data_6ZRA
#
_entry.id   6ZRA
#
_cell.length_a   91.150
_cell.length_b   91.150
_cell.length_c   132.498
_cell.angle_alpha   90.000
_cell.angle_beta   90.000
_cell.angle_gamma   90.000
#
_symmetry.space_group_name_H-M   'I 4 2 2'
#
loop_
_entity.id
_entity.type
_entity.pdbx_description
1 polymer '17-beta-hydroxysteroid dehydrogenase 14'
2 non-polymer 2-fluoranyl-5-nitro-phenol
3 non-polymer beta-D-glucopyranose
4 non-polymer NICOTINAMIDE-ADENINE-DINUCLEOTIDE
5 non-polymer 'SODIUM ION'
6 water water
#
_entity_poly.entity_id   1
_entity_poly.type   'polypeptide(L)'
_entity_poly.pdbx_seq_one_letter_code
;MATGTRYAGKVVVVTGGGRGIGAGIVRAFVNSGARVVICDKDESGGRALEQELPGAVFILCDVTQEDDVKTLVSETIRRF
GRLDCVVNNAGHHPPPQRPEETSAQGFRQLLELNLLGTYTLTKLALPYLRKSQGNVINISSLVGAIGQAQAVPYVATKGA
VTAMTKALALDESPYGVRVNCISPGNIWTPLWEELAALMPDPRASIREGMLAQPLGRMGQPAEVGAAAVFLASEANFCTG
IELLVTGGAELGYGCKASRSTPVDAPDIPS
;
_entity_poly.pdbx_strand_id   A
#
# COMPACT_ATOMS: atom_id res chain seq x y z
N THR A 5 -12.38 16.39 10.08
CA THR A 5 -11.29 17.14 10.70
C THR A 5 -10.27 16.26 11.46
N ARG A 6 -10.39 14.94 11.34
CA ARG A 6 -9.52 14.05 12.10
C ARG A 6 -8.05 14.24 11.74
N TYR A 7 -7.77 14.67 10.51
CA TYR A 7 -6.40 14.84 10.04
C TYR A 7 -6.26 16.16 9.30
N ALA A 8 -7.01 17.17 9.76
CA ALA A 8 -7.01 18.47 9.13
C ALA A 8 -5.66 19.16 9.31
N GLY A 9 -5.25 19.90 8.27
CA GLY A 9 -4.00 20.62 8.31
C GLY A 9 -2.78 19.77 8.00
N LYS A 10 -2.96 18.47 7.77
CA LYS A 10 -1.87 17.55 7.51
C LYS A 10 -1.71 17.31 6.01
N VAL A 11 -0.51 16.89 5.62
CA VAL A 11 -0.17 16.65 4.22
C VAL A 11 0.27 15.20 4.06
N VAL A 12 -0.35 14.48 3.13
CA VAL A 12 -0.16 13.05 2.94
C VAL A 12 0.24 12.77 1.50
N VAL A 13 1.25 11.91 1.32
CA VAL A 13 1.61 11.39 0.01
C VAL A 13 1.16 9.93 -0.08
N VAL A 14 0.45 9.58 -1.15
CA VAL A 14 0.01 8.20 -1.39
C VAL A 14 0.60 7.75 -2.72
N THR A 15 1.47 6.76 -2.69
CA THR A 15 2.01 6.24 -3.94
C THR A 15 1.06 5.20 -4.53
N GLY A 16 1.09 5.08 -5.85
CA GLY A 16 0.09 4.28 -6.53
C GLY A 16 -1.33 4.70 -6.20
N GLY A 17 -1.57 5.99 -6.03
CA GLY A 17 -2.88 6.44 -5.60
C GLY A 17 -3.90 6.66 -6.71
N GLY A 18 -3.58 6.31 -7.95
CA GLY A 18 -4.49 6.60 -9.05
C GLY A 18 -5.69 5.67 -9.18
N ARG A 19 -5.63 4.48 -8.60
CA ARG A 19 -6.73 3.52 -8.69
C ARG A 19 -6.61 2.52 -7.54
N GLY A 20 -7.63 1.66 -7.41
CA GLY A 20 -7.50 0.54 -6.49
C GLY A 20 -7.40 0.97 -5.03
N ILE A 21 -6.63 0.20 -4.26
CA ILE A 21 -6.44 0.52 -2.85
C ILE A 21 -5.90 1.93 -2.68
N GLY A 22 -4.93 2.32 -3.49
CA GLY A 22 -4.34 3.64 -3.36
C GLY A 22 -5.37 4.74 -3.47
N ALA A 23 -6.28 4.63 -4.44
CA ALA A 23 -7.30 5.66 -4.59
C ALA A 23 -8.25 5.66 -3.38
N GLY A 24 -8.55 4.47 -2.85
CA GLY A 24 -9.36 4.40 -1.64
C GLY A 24 -8.70 5.09 -0.47
N ILE A 25 -7.37 4.95 -0.35
CA ILE A 25 -6.63 5.64 0.69
C ILE A 25 -6.63 7.15 0.46
N VAL A 26 -6.43 7.58 -0.80
CA VAL A 26 -6.51 9.00 -1.11
C VAL A 26 -7.86 9.57 -0.66
N ARG A 27 -8.94 8.89 -1.03
CA ARG A 27 -10.27 9.39 -0.69
C ARG A 27 -10.46 9.45 0.81
N ALA A 28 -9.97 8.43 1.53
CA ALA A 28 -10.15 8.43 2.98
C ALA A 28 -9.43 9.61 3.63
N PHE A 29 -8.23 9.94 3.16
CA PHE A 29 -7.49 11.04 3.77
C PHE A 29 -8.11 12.38 3.41
N VAL A 30 -8.58 12.54 2.18
CA VAL A 30 -9.28 13.77 1.83
C VAL A 30 -10.51 13.97 2.70
N ASN A 31 -11.27 12.89 2.91
CA ASN A 31 -12.46 12.97 3.77
C ASN A 31 -12.12 13.29 5.22
N SER A 32 -10.89 13.03 5.65
N SER A 32 -10.88 13.01 5.65
CA SER A 32 -10.47 13.34 7.00
CA SER A 32 -10.43 13.32 7.00
C SER A 32 -9.82 14.72 7.12
C SER A 32 -9.94 14.76 7.15
N GLY A 33 -9.86 15.52 6.05
CA GLY A 33 -9.42 16.90 6.11
C GLY A 33 -7.99 17.15 5.67
N ALA A 34 -7.27 16.12 5.25
CA ALA A 34 -5.88 16.29 4.83
C ALA A 34 -5.80 16.75 3.39
N ARG A 35 -4.66 17.36 3.05
CA ARG A 35 -4.26 17.55 1.66
C ARG A 35 -3.45 16.35 1.23
N VAL A 36 -3.73 15.84 0.04
CA VAL A 36 -3.14 14.59 -0.41
C VAL A 36 -2.42 14.80 -1.72
N VAL A 37 -1.17 14.31 -1.80
CA VAL A 37 -0.45 14.24 -3.05
C VAL A 37 -0.60 12.83 -3.58
N ILE A 38 -1.23 12.70 -4.75
CA ILE A 38 -1.42 11.43 -5.43
C ILE A 38 -0.20 11.19 -6.31
N CYS A 39 0.60 10.16 -5.99
CA CYS A 39 1.72 9.77 -6.83
C CYS A 39 1.34 8.53 -7.62
N ASP A 40 1.61 8.53 -8.93
CA ASP A 40 1.36 7.35 -9.75
C ASP A 40 2.19 7.44 -11.01
N LYS A 41 2.57 6.29 -11.55
CA LYS A 41 3.32 6.27 -12.80
C LYS A 41 2.41 6.41 -14.01
N ASP A 42 1.11 6.18 -13.83
N ASP A 42 1.12 6.17 -13.84
CA ASP A 42 0.10 6.33 -14.86
CA ASP A 42 0.14 6.33 -14.91
C ASP A 42 -0.70 7.61 -14.61
C ASP A 42 -0.71 7.57 -14.63
N GLU A 43 -0.93 8.38 -15.68
CA GLU A 43 -1.62 9.66 -15.54
C GLU A 43 -3.13 9.52 -15.44
N SER A 44 -3.71 8.48 -16.05
CA SER A 44 -5.15 8.44 -16.31
C SER A 44 -5.97 8.59 -15.03
N GLY A 45 -5.80 7.65 -14.09
CA GLY A 45 -6.63 7.66 -12.89
C GLY A 45 -6.30 8.81 -11.97
N GLY A 46 -5.00 9.04 -11.73
CA GLY A 46 -4.60 10.06 -10.77
C GLY A 46 -4.98 11.46 -11.20
N ARG A 47 -4.87 11.76 -12.49
CA ARG A 47 -5.24 13.10 -12.94
C ARG A 47 -6.74 13.33 -12.78
N ALA A 48 -7.55 12.31 -13.05
CA ALA A 48 -8.98 12.45 -12.86
C ALA A 48 -9.33 12.61 -11.38
N LEU A 49 -8.62 11.88 -10.51
CA LEU A 49 -8.84 12.03 -9.08
C LEU A 49 -8.54 13.44 -8.60
N GLU A 50 -7.46 14.05 -9.11
CA GLU A 50 -7.16 15.43 -8.74
C GLU A 50 -8.30 16.35 -9.13
N GLN A 51 -8.86 16.16 -10.34
CA GLN A 51 -9.97 17.02 -10.75
C GLN A 51 -11.19 16.80 -9.85
N GLU A 52 -11.38 15.57 -9.39
CA GLU A 52 -12.56 15.22 -8.62
C GLU A 52 -12.48 15.73 -7.18
N LEU A 53 -11.31 15.65 -6.56
CA LEU A 53 -11.18 15.89 -5.12
C LEU A 53 -10.47 17.20 -4.84
N PRO A 54 -11.10 18.18 -4.19
N PRO A 54 -11.17 18.24 -4.40
CA PRO A 54 -10.43 19.48 -3.97
CA PRO A 54 -10.47 19.41 -3.86
C PRO A 54 -9.13 19.38 -3.19
C PRO A 54 -9.64 18.98 -2.66
N GLY A 55 -9.06 18.50 -2.19
N GLY A 55 -8.40 19.44 -2.62
CA GLY A 55 -7.89 18.43 -1.34
CA GLY A 55 -7.44 19.03 -1.63
C GLY A 55 -6.77 17.56 -1.85
C GLY A 55 -6.45 17.99 -2.11
N ALA A 56 -6.78 17.22 -3.15
CA ALA A 56 -5.84 16.28 -3.75
C ALA A 56 -5.25 16.83 -5.03
N VAL A 57 -3.95 16.60 -5.23
CA VAL A 57 -3.25 16.96 -6.46
C VAL A 57 -2.44 15.75 -6.91
N PHE A 58 -2.21 15.69 -8.22
CA PHE A 58 -1.53 14.56 -8.85
C PHE A 58 -0.12 14.95 -9.27
N ILE A 59 0.85 14.11 -8.93
CA ILE A 59 2.22 14.28 -9.38
C ILE A 59 2.66 12.98 -10.04
N LEU A 60 3.02 13.06 -11.31
CA LEU A 60 3.49 11.87 -12.02
C LEU A 60 4.83 11.44 -11.43
N CYS A 61 4.93 10.18 -11.01
CA CYS A 61 6.13 9.72 -10.32
C CYS A 61 6.17 8.19 -10.36
N ASP A 62 7.26 7.66 -10.90
CA ASP A 62 7.55 6.23 -10.87
C ASP A 62 8.45 5.97 -9.67
N VAL A 63 7.95 5.23 -8.68
CA VAL A 63 8.70 5.08 -7.43
C VAL A 63 9.98 4.28 -7.60
N THR A 64 10.16 3.60 -8.74
CA THR A 64 11.43 2.92 -8.98
C THR A 64 12.50 3.86 -9.50
N GLN A 65 12.16 5.11 -9.81
CA GLN A 65 13.11 6.09 -10.34
C GLN A 65 13.43 7.09 -9.22
N GLU A 66 14.66 7.00 -8.70
CA GLU A 66 15.03 7.80 -7.52
C GLU A 66 14.87 9.29 -7.79
N ASP A 67 15.14 9.75 -9.01
CA ASP A 67 14.98 11.17 -9.30
C ASP A 67 13.51 11.58 -9.35
N ASP A 68 12.63 10.69 -9.84
CA ASP A 68 11.20 10.94 -9.74
C ASP A 68 10.78 11.15 -8.28
N VAL A 69 11.33 10.32 -7.38
CA VAL A 69 10.91 10.35 -5.98
C VAL A 69 11.47 11.59 -5.28
N LYS A 70 12.74 11.94 -5.57
CA LYS A 70 13.29 13.19 -5.05
C LYS A 70 12.42 14.37 -5.42
N THR A 71 11.98 14.42 -6.68
CA THR A 71 11.13 15.52 -7.13
C THR A 71 9.75 15.46 -6.47
N LEU A 72 9.19 14.26 -6.30
CA LEU A 72 7.93 14.12 -5.56
C LEU A 72 8.02 14.76 -4.18
N VAL A 73 9.08 14.47 -3.43
CA VAL A 73 9.19 15.03 -2.09
C VAL A 73 9.43 16.54 -2.16
N SER A 74 10.34 16.99 -3.00
CA SER A 74 10.61 18.43 -3.01
C SER A 74 9.40 19.22 -3.52
N GLU A 75 8.63 18.66 -4.46
CA GLU A 75 7.43 19.36 -4.92
C GLU A 75 6.36 19.38 -3.84
N THR A 76 6.24 18.31 -3.06
CA THR A 76 5.27 18.29 -1.97
C THR A 76 5.58 19.40 -0.96
N ILE A 77 6.85 19.52 -0.57
CA ILE A 77 7.25 20.57 0.39
C ILE A 77 7.09 21.95 -0.23
N ARG A 78 7.48 22.10 -1.49
CA ARG A 78 7.37 23.42 -2.14
C ARG A 78 5.92 23.87 -2.20
N ARG A 79 5.00 22.96 -2.50
CA ARG A 79 3.61 23.32 -2.71
C ARG A 79 2.79 23.38 -1.43
N PHE A 80 3.15 22.60 -0.41
CA PHE A 80 2.30 22.51 0.76
C PHE A 80 3.00 22.77 2.09
N GLY A 81 4.32 22.88 2.11
CA GLY A 81 5.03 23.42 3.26
C GLY A 81 5.30 22.45 4.39
N ARG A 82 4.88 21.19 4.28
CA ARG A 82 5.08 20.21 5.34
C ARG A 82 4.76 18.85 4.76
N LEU A 83 5.14 17.80 5.49
CA LEU A 83 4.80 16.43 5.12
C LEU A 83 4.57 15.65 6.40
N ASP A 84 3.37 15.07 6.52
CA ASP A 84 2.96 14.40 7.76
C ASP A 84 2.84 12.90 7.63
N CYS A 85 2.55 12.38 6.45
CA CYS A 85 2.36 10.94 6.33
C CYS A 85 2.70 10.50 4.93
N VAL A 86 3.42 9.38 4.83
CA VAL A 86 3.71 8.75 3.54
C VAL A 86 3.07 7.37 3.56
N VAL A 87 2.24 7.10 2.55
CA VAL A 87 1.59 5.81 2.39
C VAL A 87 2.22 5.14 1.19
N ASN A 88 3.03 4.10 1.44
CA ASN A 88 3.73 3.40 0.37
C ASN A 88 2.85 2.26 -0.10
N ASN A 89 2.03 2.55 -1.11
CA ASN A 89 1.04 1.61 -1.63
C ASN A 89 1.41 1.07 -3.01
N ALA A 90 2.17 1.81 -3.80
CA ALA A 90 2.55 1.34 -5.13
C ALA A 90 3.18 -0.05 -5.04
N GLY A 91 2.74 -0.94 -5.93
CA GLY A 91 3.25 -2.30 -5.95
C GLY A 91 2.45 -3.08 -6.98
N HIS A 92 2.94 -4.28 -7.26
CA HIS A 92 2.33 -5.12 -8.30
C HIS A 92 2.34 -6.57 -7.88
N HIS A 93 1.30 -7.31 -8.28
CA HIS A 93 1.28 -8.77 -8.14
C HIS A 93 1.32 -9.38 -9.52
N PRO A 94 2.39 -10.09 -9.88
CA PRO A 94 2.46 -10.76 -11.19
C PRO A 94 1.39 -11.83 -11.30
N PRO A 95 1.11 -12.29 -12.52
CA PRO A 95 0.24 -13.45 -12.67
C PRO A 95 0.84 -14.66 -11.97
N PRO A 96 0.02 -15.68 -11.69
CA PRO A 96 0.55 -16.89 -11.04
C PRO A 96 1.76 -17.43 -11.79
N GLN A 97 2.82 -17.77 -11.04
CA GLN A 97 4.04 -18.31 -11.62
C GLN A 97 4.53 -19.44 -10.75
N ARG A 98 4.68 -20.63 -11.34
CA ARG A 98 5.31 -21.73 -10.65
C ARG A 98 6.77 -21.35 -10.34
N PRO A 99 7.35 -21.90 -9.26
CA PRO A 99 8.72 -21.53 -8.90
C PRO A 99 9.73 -21.69 -10.04
N GLU A 100 9.64 -22.79 -10.81
CA GLU A 100 10.60 -22.98 -11.89
C GLU A 100 10.36 -22.03 -13.05
N GLU A 101 9.24 -21.32 -13.06
CA GLU A 101 8.93 -20.34 -14.10
C GLU A 101 9.37 -18.93 -13.75
N THR A 102 9.89 -18.70 -12.54
CA THR A 102 10.38 -17.40 -12.15
C THR A 102 11.83 -17.24 -12.58
N SER A 103 12.31 -16.00 -12.57
CA SER A 103 13.71 -15.74 -12.86
C SER A 103 14.28 -14.82 -11.79
N ALA A 104 15.59 -14.90 -11.60
CA ALA A 104 16.25 -13.95 -10.71
C ALA A 104 16.02 -12.52 -11.18
N GLN A 105 16.04 -12.29 -12.49
CA GLN A 105 15.91 -10.91 -12.95
C GLN A 105 14.49 -10.41 -12.75
N GLY A 106 13.50 -11.28 -12.93
CA GLY A 106 12.13 -10.88 -12.65
C GLY A 106 11.90 -10.62 -11.17
N PHE A 107 12.50 -11.47 -10.33
CA PHE A 107 12.53 -11.25 -8.89
C PHE A 107 13.16 -9.90 -8.55
N ARG A 108 14.30 -9.57 -9.19
CA ARG A 108 14.93 -8.28 -8.91
C ARG A 108 14.01 -7.11 -9.28
N GLN A 109 13.34 -7.21 -10.42
CA GLN A 109 12.45 -6.14 -10.85
C GLN A 109 11.28 -5.96 -9.89
N LEU A 110 10.72 -7.07 -9.38
CA LEU A 110 9.61 -6.95 -8.44
C LEU A 110 10.10 -6.38 -7.11
N LEU A 111 11.30 -6.75 -6.67
CA LEU A 111 11.88 -6.13 -5.48
C LEU A 111 12.03 -4.63 -5.69
N GLU A 112 12.37 -4.21 -6.91
CA GLU A 112 12.57 -2.79 -7.16
C GLU A 112 11.28 -2.00 -6.92
N LEU A 113 10.15 -2.52 -7.37
CA LEU A 113 8.88 -1.82 -7.14
C LEU A 113 8.38 -2.01 -5.72
N ASN A 114 8.19 -3.27 -5.31
CA ASN A 114 7.44 -3.53 -4.09
C ASN A 114 8.22 -3.18 -2.83
N LEU A 115 9.55 -3.24 -2.88
CA LEU A 115 10.37 -3.03 -1.69
C LEU A 115 11.23 -1.78 -1.78
N LEU A 116 12.03 -1.64 -2.83
CA LEU A 116 13.00 -0.54 -2.87
C LEU A 116 12.31 0.80 -3.15
N GLY A 117 11.19 0.81 -3.86
CA GLY A 117 10.46 2.06 -4.04
C GLY A 117 9.91 2.57 -2.73
N THR A 118 9.38 1.67 -1.91
CA THR A 118 8.98 2.00 -0.55
C THR A 118 10.15 2.51 0.27
N TYR A 119 11.29 1.82 0.20
CA TYR A 119 12.49 2.25 0.91
C TYR A 119 12.92 3.66 0.49
N THR A 120 12.95 3.93 -0.83
CA THR A 120 13.49 5.18 -1.33
C THR A 120 12.62 6.37 -0.93
N LEU A 121 11.31 6.28 -1.14
CA LEU A 121 10.44 7.38 -0.73
C LEU A 121 10.52 7.59 0.79
N THR A 122 10.49 6.51 1.57
CA THR A 122 10.57 6.67 3.02
C THR A 122 11.84 7.41 3.42
N LYS A 123 12.98 7.01 2.84
CA LYS A 123 14.26 7.64 3.16
C LYS A 123 14.23 9.14 2.85
N LEU A 124 13.72 9.50 1.67
CA LEU A 124 13.73 10.91 1.29
C LEU A 124 12.73 11.72 2.12
N ALA A 125 11.67 11.07 2.60
CA ALA A 125 10.63 11.76 3.36
C ALA A 125 10.97 11.91 4.84
N LEU A 126 11.79 11.01 5.39
CA LEU A 126 11.99 11.00 6.85
C LEU A 126 12.48 12.32 7.44
N PRO A 127 13.38 13.09 6.79
CA PRO A 127 13.77 14.37 7.40
C PRO A 127 12.57 15.27 7.65
N TYR A 128 11.59 15.26 6.75
CA TYR A 128 10.41 16.10 6.91
C TYR A 128 9.43 15.49 7.89
N LEU A 129 9.30 14.16 7.89
CA LEU A 129 8.44 13.50 8.87
C LEU A 129 8.97 13.73 10.29
N ARG A 130 10.29 13.79 10.46
CA ARG A 130 10.82 14.09 11.79
C ARG A 130 10.40 15.48 12.24
N LYS A 131 10.39 16.44 11.32
CA LYS A 131 10.02 17.80 11.71
C LYS A 131 8.55 17.87 12.13
N SER A 132 7.70 17.06 11.52
CA SER A 132 6.26 17.09 11.76
C SER A 132 5.80 16.04 12.76
N GLN A 133 6.73 15.23 13.29
CA GLN A 133 6.41 14.01 14.05
C GLN A 133 5.34 13.22 13.30
N GLY A 134 5.59 13.01 12.01
CA GLY A 134 4.67 12.30 11.14
C GLY A 134 4.86 10.80 11.23
N ASN A 135 4.34 10.11 10.23
CA ASN A 135 4.35 8.65 10.29
C ASN A 135 4.38 8.06 8.89
N VAL A 136 4.79 6.80 8.83
CA VAL A 136 4.91 6.02 7.59
C VAL A 136 3.92 4.87 7.68
N ILE A 137 3.19 4.62 6.59
CA ILE A 137 2.28 3.49 6.47
C ILE A 137 2.65 2.74 5.21
N ASN A 138 3.09 1.49 5.36
CA ASN A 138 3.42 0.63 4.22
C ASN A 138 2.28 -0.34 3.98
N ILE A 139 1.91 -0.51 2.72
CA ILE A 139 0.88 -1.48 2.33
C ILE A 139 1.60 -2.76 1.97
N SER A 140 1.53 -3.75 2.85
CA SER A 140 2.19 -5.03 2.63
C SER A 140 1.15 -6.01 2.06
N SER A 141 1.05 -7.23 2.59
CA SER A 141 0.00 -8.17 2.22
C SER A 141 -0.01 -9.28 3.24
N LEU A 142 -1.20 -9.80 3.49
CA LEU A 142 -1.33 -11.00 4.31
C LEU A 142 -0.44 -12.13 3.82
N VAL A 143 -0.22 -12.24 2.51
CA VAL A 143 0.56 -13.39 2.03
C VAL A 143 2.03 -13.28 2.37
N GLY A 144 2.51 -12.09 2.75
CA GLY A 144 3.85 -12.03 3.33
C GLY A 144 3.96 -12.82 4.61
N ALA A 145 2.85 -12.92 5.36
CA ALA A 145 2.82 -13.57 6.67
C ALA A 145 2.53 -15.06 6.56
N ILE A 146 1.62 -15.46 5.67
CA ILE A 146 1.14 -16.83 5.62
C ILE A 146 1.52 -17.54 4.34
N GLY A 147 2.13 -16.85 3.39
CA GLY A 147 2.46 -17.46 2.11
C GLY A 147 1.29 -17.48 1.15
N GLN A 148 1.60 -17.76 -0.11
CA GLN A 148 0.63 -17.90 -1.18
C GLN A 148 1.23 -18.83 -2.22
N ALA A 149 0.37 -19.56 -2.93
CA ALA A 149 0.87 -20.44 -3.99
C ALA A 149 1.15 -19.66 -5.26
N GLN A 150 2.13 -20.14 -6.03
CA GLN A 150 2.52 -19.60 -7.33
C GLN A 150 2.81 -18.10 -7.26
N ALA A 151 3.55 -17.70 -6.22
CA ALA A 151 3.89 -16.30 -6.04
C ALA A 151 5.15 -16.12 -5.19
N VAL A 152 6.18 -16.95 -5.41
CA VAL A 152 7.39 -16.84 -4.59
C VAL A 152 7.99 -15.44 -4.58
N PRO A 153 8.24 -14.79 -5.73
CA PRO A 153 8.80 -13.43 -5.66
C PRO A 153 7.87 -12.44 -4.96
N TYR A 154 6.58 -12.44 -5.27
CA TYR A 154 5.67 -11.47 -4.64
C TYR A 154 5.65 -11.65 -3.13
N VAL A 155 5.51 -12.89 -2.66
CA VAL A 155 5.46 -13.18 -1.23
C VAL A 155 6.74 -12.69 -0.56
N ALA A 156 7.89 -12.96 -1.20
CA ALA A 156 9.16 -12.52 -0.63
C ALA A 156 9.21 -10.99 -0.50
N THR A 157 8.71 -10.24 -1.50
CA THR A 157 8.75 -8.78 -1.39
C THR A 157 7.89 -8.29 -0.24
N LYS A 158 6.74 -8.93 0.02
CA LYS A 158 5.89 -8.42 1.08
C LYS A 158 6.39 -8.87 2.46
N GLY A 159 6.98 -10.06 2.57
CA GLY A 159 7.69 -10.40 3.80
C GLY A 159 8.77 -9.37 4.12
N ALA A 160 9.47 -8.88 3.09
CA ALA A 160 10.48 -7.86 3.32
C ALA A 160 9.87 -6.54 3.79
N VAL A 161 8.74 -6.14 3.21
CA VAL A 161 8.12 -4.87 3.60
C VAL A 161 7.68 -4.91 5.05
N THR A 162 7.02 -6.00 5.45
CA THR A 162 6.54 -6.11 6.82
C THR A 162 7.70 -6.09 7.81
N ALA A 163 8.76 -6.84 7.53
CA ALA A 163 9.94 -6.83 8.39
C ALA A 163 10.59 -5.45 8.41
N MET A 164 10.76 -4.84 7.23
CA MET A 164 11.37 -3.51 7.16
C MET A 164 10.60 -2.49 7.99
N THR A 165 9.27 -2.60 8.00
CA THR A 165 8.43 -1.71 8.79
C THR A 165 8.82 -1.77 10.27
N LYS A 166 9.11 -2.97 10.79
CA LYS A 166 9.45 -3.12 12.19
C LYS A 166 10.85 -2.56 12.48
N ALA A 167 11.80 -2.81 11.59
CA ALA A 167 13.16 -2.28 11.75
C ALA A 167 13.13 -0.76 11.78
N LEU A 168 12.43 -0.16 10.81
CA LEU A 168 12.35 1.29 10.71
C LEU A 168 11.63 1.89 11.91
N ALA A 169 10.58 1.21 12.40
CA ALA A 169 9.89 1.67 13.59
C ALA A 169 10.85 1.78 14.78
N LEU A 170 11.73 0.79 14.93
CA LEU A 170 12.72 0.85 16.01
C LEU A 170 13.67 2.04 15.81
N ASP A 171 14.15 2.22 14.58
CA ASP A 171 15.13 3.27 14.33
C ASP A 171 14.53 4.66 14.52
N GLU A 172 13.28 4.86 14.14
CA GLU A 172 12.69 6.19 14.16
C GLU A 172 11.94 6.50 15.45
N SER A 173 11.75 5.50 16.32
CA SER A 173 11.04 5.75 17.57
C SER A 173 11.64 6.88 18.42
N PRO A 174 12.98 7.03 18.54
CA PRO A 174 13.48 8.16 19.36
C PRO A 174 13.14 9.51 18.79
N TYR A 175 12.75 9.59 17.51
CA TYR A 175 12.40 10.85 16.88
C TYR A 175 10.89 11.07 16.84
N GLY A 176 10.11 10.19 17.45
CA GLY A 176 8.68 10.36 17.48
C GLY A 176 7.96 10.02 16.19
N VAL A 177 8.65 9.39 15.24
CA VAL A 177 8.07 9.03 13.95
C VAL A 177 7.65 7.56 14.01
N ARG A 178 6.36 7.30 13.84
CA ARG A 178 5.83 5.94 13.86
C ARG A 178 5.88 5.35 12.46
N VAL A 179 6.09 4.04 12.40
CA VAL A 179 6.18 3.31 11.13
C VAL A 179 5.34 2.05 11.27
N ASN A 180 4.27 1.94 10.49
CA ASN A 180 3.34 0.82 10.60
C ASN A 180 3.03 0.27 9.22
N CYS A 181 2.46 -0.93 9.17
CA CYS A 181 2.00 -1.44 7.89
C CYS A 181 0.60 -1.99 8.02
N ILE A 182 -0.07 -2.03 6.88
CA ILE A 182 -1.36 -2.67 6.70
C ILE A 182 -1.14 -3.87 5.79
N SER A 183 -1.66 -5.02 6.20
CA SER A 183 -1.59 -6.22 5.37
C SER A 183 -2.99 -6.57 4.90
N PRO A 184 -3.40 -6.11 3.72
CA PRO A 184 -4.69 -6.52 3.19
C PRO A 184 -4.66 -7.97 2.75
N GLY A 185 -5.83 -8.60 2.80
CA GLY A 185 -6.07 -9.86 2.13
C GLY A 185 -6.67 -9.57 0.76
N ASN A 186 -7.67 -10.34 0.33
CA ASN A 186 -8.29 -10.13 -0.97
C ASN A 186 -9.12 -8.86 -0.96
N ILE A 187 -8.66 -7.84 -1.70
CA ILE A 187 -9.40 -6.58 -1.85
C ILE A 187 -9.80 -6.48 -3.32
N TRP A 188 -11.07 -6.19 -3.58
CA TRP A 188 -11.56 -6.09 -4.96
C TRP A 188 -11.07 -4.78 -5.58
N THR A 189 -10.10 -4.88 -6.50
CA THR A 189 -9.40 -3.77 -7.15
C THR A 189 -9.24 -4.08 -8.63
N PRO A 190 -8.80 -3.10 -9.45
CA PRO A 190 -8.56 -3.43 -10.86
C PRO A 190 -7.50 -4.49 -11.07
N LEU A 191 -6.49 -4.55 -10.18
CA LEU A 191 -5.50 -5.61 -10.28
C LEU A 191 -6.14 -6.98 -10.06
N TRP A 192 -6.98 -7.11 -9.02
CA TRP A 192 -7.66 -8.38 -8.81
C TRP A 192 -8.47 -8.76 -10.03
N GLU A 193 -9.20 -7.79 -10.59
CA GLU A 193 -10.05 -8.05 -11.75
C GLU A 193 -9.21 -8.43 -12.97
N GLU A 194 -8.10 -7.73 -13.19
CA GLU A 194 -7.19 -8.08 -14.29
C GLU A 194 -6.66 -9.49 -14.14
N LEU A 195 -6.22 -9.86 -12.93
CA LEU A 195 -5.66 -11.18 -12.71
C LEU A 195 -6.69 -12.28 -12.91
N ALA A 196 -7.93 -12.03 -12.45
CA ALA A 196 -8.98 -13.04 -12.64
C ALA A 196 -9.29 -13.24 -14.11
N ALA A 197 -9.19 -12.17 -14.90
CA ALA A 197 -9.50 -12.24 -16.33
C ALA A 197 -8.54 -13.14 -17.09
N LEU A 198 -7.34 -13.36 -16.55
CA LEU A 198 -6.36 -14.28 -17.14
C LEU A 198 -6.66 -15.73 -16.85
N MET A 199 -7.54 -16.03 -15.91
CA MET A 199 -7.80 -17.39 -15.49
C MET A 199 -8.73 -18.10 -16.48
N PRO A 200 -8.67 -19.43 -16.55
CA PRO A 200 -9.61 -20.16 -17.41
C PRO A 200 -11.06 -19.78 -17.15
N ASP A 201 -11.48 -19.77 -15.89
CA ASP A 201 -12.84 -19.37 -15.50
C ASP A 201 -12.71 -18.17 -14.57
N PRO A 202 -12.80 -16.94 -15.10
CA PRO A 202 -12.69 -15.77 -14.22
C PRO A 202 -13.73 -15.74 -13.11
N ARG A 203 -14.98 -16.09 -13.41
CA ARG A 203 -16.02 -16.05 -12.40
C ARG A 203 -15.72 -17.04 -11.28
N ALA A 204 -15.25 -18.24 -11.62
CA ALA A 204 -14.88 -19.20 -10.59
C ALA A 204 -13.70 -18.71 -9.78
N SER A 205 -12.74 -18.04 -10.42
CA SER A 205 -11.61 -17.48 -9.70
C SER A 205 -12.07 -16.42 -8.71
N ILE A 206 -13.01 -15.57 -9.11
CA ILE A 206 -13.50 -14.53 -8.22
C ILE A 206 -14.30 -15.13 -7.06
N ARG A 207 -15.14 -16.13 -7.34
CA ARG A 207 -15.91 -16.76 -6.26
C ARG A 207 -14.98 -17.44 -5.25
N GLU A 208 -13.92 -18.10 -5.74
CA GLU A 208 -12.94 -18.71 -4.85
C GLU A 208 -12.27 -17.65 -3.96
N GLY A 209 -11.95 -16.49 -4.54
CA GLY A 209 -11.35 -15.41 -3.76
C GLY A 209 -12.28 -14.87 -2.71
N MET A 210 -13.59 -14.80 -3.04
CA MET A 210 -14.58 -14.34 -2.05
C MET A 210 -14.70 -15.32 -0.89
N LEU A 211 -14.68 -16.61 -1.17
CA LEU A 211 -14.89 -17.60 -0.14
C LEU A 211 -13.63 -17.91 0.66
N ALA A 212 -12.50 -17.32 0.28
CA ALA A 212 -11.29 -17.45 1.08
C ALA A 212 -11.42 -16.72 2.41
N GLN A 213 -12.41 -15.85 2.58
CA GLN A 213 -12.64 -15.09 3.80
C GLN A 213 -13.84 -15.67 4.54
N PRO A 214 -13.75 -15.87 5.85
CA PRO A 214 -14.95 -16.20 6.63
C PRO A 214 -16.11 -15.26 6.41
N LEU A 215 -15.83 -13.96 6.20
CA LEU A 215 -16.89 -13.00 5.90
C LEU A 215 -17.55 -13.24 4.55
N GLY A 216 -16.96 -14.08 3.68
CA GLY A 216 -17.61 -14.49 2.44
C GLY A 216 -17.60 -13.45 1.33
N ARG A 217 -16.83 -12.37 1.49
CA ARG A 217 -16.68 -11.35 0.46
C ARG A 217 -15.23 -10.89 0.47
N MET A 218 -14.83 -10.21 -0.60
CA MET A 218 -13.56 -9.51 -0.60
C MET A 218 -13.72 -8.14 0.07
N GLY A 219 -12.58 -7.51 0.37
CA GLY A 219 -12.60 -6.20 0.97
C GLY A 219 -12.66 -5.08 -0.05
N GLN A 220 -12.84 -3.85 0.46
CA GLN A 220 -12.94 -2.66 -0.38
C GLN A 220 -11.77 -1.73 -0.14
N PRO A 221 -11.33 -1.02 -1.18
CA PRO A 221 -10.32 0.04 -0.97
C PRO A 221 -10.68 1.00 0.15
N ALA A 222 -11.95 1.35 0.31
CA ALA A 222 -12.35 2.26 1.38
C ALA A 222 -12.03 1.68 2.76
N GLU A 223 -12.09 0.34 2.89
CA GLU A 223 -11.79 -0.25 4.19
C GLU A 223 -10.29 -0.20 4.50
N VAL A 224 -9.44 -0.41 3.49
CA VAL A 224 -8.02 -0.18 3.69
C VAL A 224 -7.75 1.29 3.98
N GLY A 225 -8.48 2.19 3.30
CA GLY A 225 -8.31 3.60 3.55
C GLY A 225 -8.64 4.00 4.99
N ALA A 226 -9.71 3.43 5.55
CA ALA A 226 -10.06 3.76 6.92
C ALA A 226 -9.00 3.28 7.90
N ALA A 227 -8.41 2.10 7.63
CA ALA A 227 -7.33 1.62 8.48
C ALA A 227 -6.12 2.56 8.40
N ALA A 228 -5.83 3.09 7.20
CA ALA A 228 -4.71 4.01 7.07
C ALA A 228 -4.95 5.30 7.83
N VAL A 229 -6.16 5.86 7.73
CA VAL A 229 -6.45 7.10 8.44
C VAL A 229 -6.37 6.87 9.94
N PHE A 230 -6.83 5.71 10.41
CA PHE A 230 -6.65 5.37 11.83
C PHE A 230 -5.18 5.38 12.23
N LEU A 231 -4.34 4.67 11.48
CA LEU A 231 -2.92 4.60 11.83
C LEU A 231 -2.27 5.98 11.80
N ALA A 232 -2.67 6.84 10.87
CA ALA A 232 -2.06 8.16 10.79
C ALA A 232 -2.51 9.06 11.93
N SER A 233 -3.81 9.05 12.22
CA SER A 233 -4.42 10.13 13.00
C SER A 233 -4.72 9.79 14.44
N GLU A 234 -4.90 8.51 14.78
CA GLU A 234 -5.41 8.13 16.09
C GLU A 234 -4.64 6.98 16.73
N ALA A 235 -3.54 6.53 16.13
CA ALA A 235 -2.82 5.39 16.68
C ALA A 235 -1.47 5.82 17.25
N ASN A 236 -1.49 6.80 18.15
CA ASN A 236 -0.24 7.43 18.58
C ASN A 236 0.66 6.51 19.42
N PHE A 237 0.14 5.39 19.92
CA PHE A 237 0.95 4.43 20.66
C PHE A 237 1.22 3.17 19.84
N CYS A 238 0.90 3.18 18.55
CA CYS A 238 1.17 2.06 17.65
C CYS A 238 2.39 2.37 16.79
N THR A 239 3.41 1.53 16.87
CA THR A 239 4.49 1.64 15.90
C THR A 239 5.00 0.23 15.67
N GLY A 240 5.39 -0.05 14.42
CA GLY A 240 5.83 -1.38 14.07
C GLY A 240 4.75 -2.43 14.03
N ILE A 241 3.47 -2.04 13.93
CA ILE A 241 2.40 -3.05 13.93
C ILE A 241 2.06 -3.43 12.50
N GLU A 242 1.43 -4.60 12.37
CA GLU A 242 0.94 -5.13 11.10
C GLU A 242 -0.57 -5.24 11.26
N LEU A 243 -1.31 -4.29 10.69
CA LEU A 243 -2.77 -4.22 10.83
C LEU A 243 -3.41 -5.07 9.74
N LEU A 244 -4.04 -6.18 10.13
CA LEU A 244 -4.62 -7.10 9.16
C LEU A 244 -5.99 -6.60 8.71
N VAL A 245 -6.16 -6.46 7.39
CA VAL A 245 -7.44 -6.08 6.79
C VAL A 245 -7.79 -7.16 5.79
N THR A 246 -8.28 -8.30 6.31
CA THR A 246 -8.30 -9.55 5.56
C THR A 246 -9.64 -10.29 5.62
N GLY A 247 -10.62 -9.80 6.36
CA GLY A 247 -11.88 -10.53 6.48
C GLY A 247 -11.76 -11.87 7.18
N GLY A 248 -10.66 -12.10 7.90
CA GLY A 248 -10.46 -13.34 8.62
C GLY A 248 -9.86 -14.47 7.81
N ALA A 249 -9.26 -14.19 6.65
CA ALA A 249 -8.77 -15.26 5.79
C ALA A 249 -7.71 -16.12 6.47
N GLU A 250 -7.00 -15.57 7.43
CA GLU A 250 -5.94 -16.30 8.11
C GLU A 250 -6.46 -17.22 9.21
N LEU A 251 -7.76 -17.19 9.50
CA LEU A 251 -8.34 -17.90 10.62
C LEU A 251 -8.82 -19.28 10.21
N GLY A 252 -8.60 -20.26 11.08
CA GLY A 252 -9.19 -21.57 10.92
C GLY A 252 -8.59 -22.39 9.79
N TYR A 253 -9.11 -23.61 9.67
CA TYR A 253 -8.73 -24.55 8.64
C TYR A 253 -9.52 -24.30 7.36
N GLY A 254 -8.91 -24.63 6.23
CA GLY A 254 -9.55 -24.45 4.94
C GLY A 254 -9.07 -25.52 3.98
N CYS A 255 -9.44 -25.42 2.71
CA CYS A 255 -8.98 -26.38 1.69
C CYS A 255 -7.64 -25.91 1.14
N LYS A 256 -6.57 -26.60 1.52
CA LYS A 256 -5.23 -26.26 1.07
C LYS A 256 -4.61 -27.30 0.15
N ALA A 257 -5.21 -28.47 0.01
CA ALA A 257 -4.74 -29.48 -0.93
C ALA A 257 -5.79 -29.69 -2.02
N PRO A 266 -5.25 -42.18 5.99
CA PRO A 266 -5.51 -40.73 6.11
C PRO A 266 -4.25 -39.98 6.51
N ASP A 267 -3.28 -40.72 7.06
CA ASP A 267 -2.06 -40.14 7.60
C ASP A 267 -0.82 -40.57 6.83
N ILE A 268 -0.99 -41.01 5.58
CA ILE A 268 0.13 -41.30 4.69
C ILE A 268 -0.29 -41.06 3.25
#